data_2ZNI
#
_entry.id   2ZNI
#
_cell.length_a   103.627
_cell.length_b   103.627
_cell.length_c   214.044
_cell.angle_alpha   90.00
_cell.angle_beta   90.00
_cell.angle_gamma   90.00
#
_symmetry.space_group_name_H-M   'P 43 21 2'
#
loop_
_entity.id
_entity.type
_entity.pdbx_description
1 polymer 'Pyrrolysyl-tRNA synthetase'
2 polymer 'bacterial tRNA'
3 non-polymer 'CALCIUM ION'
#
loop_
_entity_poly.entity_id
_entity_poly.type
_entity_poly.pdbx_seq_one_letter_code
_entity_poly.pdbx_strand_id
1 'polypeptide(L)'
;MGSSHHHHHHSSGLVPRGSHMFLTRRDPPLSSFWTKVQYQRLKELNASGEQLEMGFSDALSRDRAFQGIEHQLMSQGKRH
LEQLRTVKHRPALLELEEKLAKALHQQGFVQVVTPTIITKSALAKMTIGEDHPLFSQVFWLDGKKCLRPMLAPNLYTLWR
ELERLWDKPIRIFEIGTCYRKESQGAQHLNEFTMLNLTELGTPLEERHQRLEDMARWVLEAAGIREFELVTESSVVYGDT
VDVMKGDLELASGAMGPHFLDEKWEIFDPWVGLGFGLERLLMIREGTQHVQSMARSLSYLDGVRLNIN
;
A,B
2 'polyribonucleotide' GGGGGGUGGAUCGAAUAGAUCACACGGACUCUAAAUUCGUGCAGGCGGGUGAAACUCCCGUACUCCCCGCCA C,D
#
# COMPACT_ATOMS: atom_id res chain seq x y z
N LEU A 30 -45.41 16.77 -11.54
CA LEU A 30 -44.09 16.20 -11.31
C LEU A 30 -44.12 15.14 -10.20
N SER A 31 -43.68 13.93 -10.54
CA SER A 31 -43.76 12.80 -9.62
C SER A 31 -43.13 11.54 -10.21
N SER A 32 -42.19 11.75 -11.14
CA SER A 32 -41.46 10.64 -11.76
C SER A 32 -39.94 10.83 -11.65
N PHE A 33 -39.36 10.28 -10.58
CA PHE A 33 -37.93 10.44 -10.29
C PHE A 33 -37.12 9.24 -10.76
N TRP A 34 -35.91 9.50 -11.24
CA TRP A 34 -35.04 8.45 -11.79
C TRP A 34 -35.44 7.07 -11.29
N THR A 35 -35.75 6.16 -12.21
CA THR A 35 -36.06 4.79 -11.81
C THR A 35 -34.93 4.22 -10.96
N LYS A 36 -35.21 3.17 -10.19
CA LYS A 36 -34.17 2.50 -9.39
C LYS A 36 -32.91 2.40 -10.22
N VAL A 37 -33.03 1.67 -11.33
CA VAL A 37 -31.91 1.36 -12.20
C VAL A 37 -31.16 2.59 -12.71
N GLN A 38 -31.91 3.63 -13.05
CA GLN A 38 -31.29 4.86 -13.53
C GLN A 38 -30.54 5.54 -12.40
N TYR A 39 -31.23 5.82 -11.30
CA TYR A 39 -30.56 6.43 -10.15
C TYR A 39 -29.17 5.84 -9.92
N GLN A 40 -29.09 4.50 -9.90
CA GLN A 40 -27.81 3.82 -9.74
C GLN A 40 -26.84 4.14 -10.88
N ARG A 41 -27.28 3.96 -12.13
CA ARG A 41 -26.35 4.14 -13.22
C ARG A 41 -25.91 5.61 -13.33
N LEU A 42 -26.61 6.50 -12.64
CA LEU A 42 -26.18 7.89 -12.61
C LEU A 42 -25.01 8.06 -11.63
N LYS A 43 -25.05 7.31 -10.54
CA LYS A 43 -23.93 7.28 -9.58
C LYS A 43 -22.60 6.98 -10.24
N GLU A 44 -22.45 5.73 -10.70
CA GLU A 44 -21.22 5.28 -11.33
C GLU A 44 -20.58 6.41 -12.14
N LEU A 45 -21.42 7.16 -12.86
CA LEU A 45 -20.95 8.19 -13.79
C LEU A 45 -20.69 9.55 -13.18
N ASN A 46 -20.94 9.69 -11.88
CA ASN A 46 -20.65 10.93 -11.16
C ASN A 46 -21.79 11.94 -11.28
N ALA A 47 -23.01 11.41 -11.38
CA ALA A 47 -24.16 12.28 -11.30
C ALA A 47 -23.94 13.21 -10.13
N SER A 48 -24.04 14.51 -10.38
CA SER A 48 -23.90 15.49 -9.32
C SER A 48 -25.03 15.33 -8.33
N GLY A 49 -24.81 15.81 -7.10
CA GLY A 49 -25.83 15.76 -6.07
C GLY A 49 -27.15 16.28 -6.62
N GLU A 50 -27.12 17.50 -7.12
CA GLU A 50 -28.27 18.12 -7.75
C GLU A 50 -29.12 17.18 -8.63
N GLN A 51 -28.54 16.75 -9.74
CA GLN A 51 -29.26 15.98 -10.75
C GLN A 51 -29.92 14.74 -10.17
N LEU A 52 -29.32 14.21 -9.11
CA LEU A 52 -29.78 12.95 -8.54
C LEU A 52 -31.16 13.02 -7.91
N GLU A 53 -31.59 14.19 -7.48
CA GLU A 53 -32.99 14.38 -7.15
C GLU A 53 -33.72 14.48 -8.47
N MET A 54 -34.00 15.72 -8.88
CA MET A 54 -34.54 16.03 -10.20
C MET A 54 -35.75 15.16 -10.57
N GLY A 55 -36.94 15.68 -10.30
CA GLY A 55 -38.18 15.01 -10.66
C GLY A 55 -38.68 15.36 -12.06
N PHE A 56 -39.65 14.60 -12.55
CA PHE A 56 -40.13 14.80 -13.91
C PHE A 56 -41.65 14.80 -14.08
N SER A 57 -42.12 15.53 -15.08
CA SER A 57 -43.56 15.71 -15.35
C SER A 57 -44.12 14.65 -16.27
N ASP A 58 -43.49 13.48 -16.27
CA ASP A 58 -43.80 12.41 -17.22
C ASP A 58 -42.58 11.52 -17.26
N ALA A 59 -42.71 10.34 -17.85
CA ALA A 59 -41.58 9.42 -17.93
C ALA A 59 -40.75 9.66 -19.19
N LEU A 60 -41.43 9.96 -20.27
CA LEU A 60 -40.76 10.15 -21.54
C LEU A 60 -39.63 11.18 -21.40
N SER A 61 -39.97 12.38 -20.92
CA SER A 61 -39.01 13.46 -20.74
C SER A 61 -37.92 13.10 -19.73
N ARG A 62 -38.29 12.30 -18.74
CA ARG A 62 -37.32 11.75 -17.80
C ARG A 62 -36.37 10.85 -18.56
N ASP A 63 -36.90 9.76 -19.11
CA ASP A 63 -36.10 8.77 -19.82
C ASP A 63 -35.14 9.40 -20.83
N ARG A 64 -35.50 10.58 -21.31
CA ARG A 64 -34.72 11.23 -22.35
C ARG A 64 -33.63 12.10 -21.76
N ALA A 65 -34.00 12.90 -20.76
CA ALA A 65 -33.03 13.75 -20.06
C ALA A 65 -31.96 12.88 -19.44
N PHE A 66 -32.34 11.66 -19.07
CA PHE A 66 -31.39 10.67 -18.61
C PHE A 66 -30.33 10.50 -19.69
N GLN A 67 -30.68 9.76 -20.74
CA GLN A 67 -29.75 9.54 -21.83
C GLN A 67 -29.02 10.84 -22.17
N GLY A 68 -29.70 11.96 -21.97
CA GLY A 68 -29.11 13.27 -22.19
C GLY A 68 -27.91 13.46 -21.30
N ILE A 69 -28.12 13.26 -20.00
CA ILE A 69 -27.08 13.40 -18.97
C ILE A 69 -26.08 12.27 -19.05
N GLU A 70 -26.57 11.03 -19.13
CA GLU A 70 -25.70 9.90 -19.31
C GLU A 70 -24.62 10.26 -20.33
N HIS A 71 -25.02 10.66 -21.52
CA HIS A 71 -24.06 11.07 -22.55
C HIS A 71 -23.12 12.12 -21.98
N GLN A 72 -23.73 13.13 -21.36
CA GLN A 72 -22.99 14.20 -20.72
C GLN A 72 -21.89 13.60 -19.84
N LEU A 73 -22.31 12.83 -18.84
CA LEU A 73 -21.39 12.24 -17.87
C LEU A 73 -20.47 11.25 -18.53
N MET A 74 -21.04 10.25 -19.19
CA MET A 74 -20.25 9.20 -19.80
C MET A 74 -19.17 9.78 -20.72
N SER A 75 -19.22 11.08 -20.95
CA SER A 75 -18.34 11.74 -21.90
C SER A 75 -17.29 12.60 -21.21
N GLN A 76 -17.66 13.24 -20.10
CA GLN A 76 -16.69 13.99 -19.30
C GLN A 76 -15.74 12.97 -18.71
N GLY A 77 -16.22 11.74 -18.56
CA GLY A 77 -15.40 10.65 -18.10
C GLY A 77 -14.20 10.44 -19.00
N LYS A 78 -14.49 10.21 -20.28
CA LYS A 78 -13.46 10.04 -21.30
C LYS A 78 -12.48 11.21 -21.33
N ARG A 79 -13.01 12.41 -21.09
CA ARG A 79 -12.15 13.59 -21.04
C ARG A 79 -11.19 13.48 -19.87
N HIS A 80 -11.72 13.05 -18.72
CA HIS A 80 -10.92 12.92 -17.51
C HIS A 80 -9.77 11.97 -17.75
N LEU A 81 -10.12 10.76 -18.18
CA LEU A 81 -9.14 9.75 -18.54
C LEU A 81 -8.10 10.24 -19.54
N GLU A 82 -8.41 11.30 -20.28
CA GLU A 82 -7.44 11.85 -21.21
C GLU A 82 -6.34 12.53 -20.43
N GLN A 83 -6.75 13.39 -19.50
CA GLN A 83 -5.83 14.02 -18.57
C GLN A 83 -4.99 12.95 -17.90
N LEU A 84 -5.68 12.05 -17.20
CA LEU A 84 -5.03 10.94 -16.53
C LEU A 84 -3.88 10.36 -17.34
N ARG A 85 -4.22 9.88 -18.53
CA ARG A 85 -3.27 9.17 -19.39
C ARG A 85 -2.14 10.02 -20.03
N THR A 86 -2.18 11.34 -19.91
CA THR A 86 -1.20 12.13 -20.61
C THR A 86 -0.66 13.31 -19.83
N VAL A 87 -1.13 13.46 -18.59
CA VAL A 87 -0.59 14.50 -17.70
C VAL A 87 -0.27 13.98 -16.29
N LYS A 88 -1.23 13.33 -15.65
CA LYS A 88 -1.07 12.90 -14.26
C LYS A 88 -0.35 11.56 -14.08
N HIS A 89 -0.71 10.58 -14.90
CA HIS A 89 -0.11 9.24 -14.85
C HIS A 89 -0.41 8.48 -13.58
N ARG A 90 -1.15 9.11 -12.68
CA ARG A 90 -1.55 8.45 -11.46
C ARG A 90 -2.93 8.92 -11.08
N PRO A 91 -3.71 8.05 -10.46
CA PRO A 91 -5.05 8.39 -9.97
C PRO A 91 -5.01 9.39 -8.82
N ALA A 92 -6.19 9.79 -8.37
CA ALA A 92 -6.35 10.82 -7.34
C ALA A 92 -6.06 10.33 -5.92
N LEU A 93 -6.02 9.02 -5.72
CA LEU A 93 -5.67 8.50 -4.41
C LEU A 93 -4.17 8.64 -4.18
N LEU A 94 -3.39 8.07 -5.11
CA LEU A 94 -1.92 8.09 -5.05
C LEU A 94 -1.34 9.49 -4.96
N GLU A 95 -1.81 10.40 -5.80
CA GLU A 95 -1.30 11.75 -5.72
C GLU A 95 -1.63 12.39 -4.38
N LEU A 96 -2.64 11.87 -3.70
CA LEU A 96 -2.98 12.39 -2.38
C LEU A 96 -2.01 11.87 -1.32
N GLU A 97 -1.81 10.55 -1.29
CA GLU A 97 -0.81 9.97 -0.41
C GLU A 97 0.44 10.85 -0.39
N GLU A 98 0.95 11.17 -1.58
CA GLU A 98 2.14 11.99 -1.68
C GLU A 98 1.95 13.41 -1.17
N LYS A 99 0.93 14.11 -1.65
CA LYS A 99 0.68 15.47 -1.19
C LYS A 99 0.54 15.48 0.32
N LEU A 100 0.06 14.36 0.85
CA LEU A 100 -0.22 14.24 2.27
C LEU A 100 1.02 13.91 3.07
N ALA A 101 1.78 12.93 2.58
CA ALA A 101 3.00 12.51 3.24
C ALA A 101 3.98 13.68 3.30
N LYS A 102 4.47 14.11 2.13
CA LYS A 102 5.36 15.25 2.04
C LYS A 102 4.98 16.39 2.99
N ALA A 103 3.69 16.51 3.26
CA ALA A 103 3.17 17.59 4.10
C ALA A 103 3.55 17.35 5.53
N LEU A 104 3.41 16.10 5.96
CA LEU A 104 3.76 15.73 7.32
C LEU A 104 5.28 15.74 7.46
N HIS A 105 5.96 15.32 6.40
CA HIS A 105 7.41 15.43 6.33
C HIS A 105 7.88 16.84 6.70
N GLN A 106 7.09 17.85 6.37
CA GLN A 106 7.45 19.21 6.71
C GLN A 106 7.42 19.43 8.20
N GLN A 107 6.44 18.81 8.86
CA GLN A 107 6.24 19.03 10.29
C GLN A 107 7.03 18.03 11.12
N GLY A 108 7.93 17.32 10.46
CA GLY A 108 8.86 16.43 11.14
C GLY A 108 8.26 15.11 11.54
N PHE A 109 7.27 14.63 10.80
CA PHE A 109 6.77 13.29 11.06
C PHE A 109 7.66 12.27 10.38
N VAL A 110 7.75 11.10 10.98
CA VAL A 110 8.47 10.02 10.34
C VAL A 110 7.45 9.02 9.87
N GLN A 111 7.35 8.87 8.56
CA GLN A 111 6.44 7.91 8.02
C GLN A 111 7.08 6.54 8.12
N VAL A 112 6.30 5.58 8.60
CA VAL A 112 6.75 4.21 8.69
C VAL A 112 5.98 3.35 7.72
N VAL A 113 6.38 2.09 7.58
CA VAL A 113 5.57 1.14 6.80
C VAL A 113 5.48 -0.21 7.53
N THR A 114 4.49 -0.36 8.40
CA THR A 114 4.29 -1.60 9.12
C THR A 114 3.49 -2.62 8.29
N PRO A 115 3.59 -3.91 8.64
CA PRO A 115 2.92 -4.94 7.85
C PRO A 115 1.39 -4.89 8.00
N THR A 116 0.68 -5.43 7.01
CA THR A 116 -0.78 -5.38 7.01
C THR A 116 -1.37 -6.60 7.73
N ILE A 117 -0.54 -7.62 7.91
CA ILE A 117 -0.97 -8.78 8.69
C ILE A 117 -0.50 -8.75 10.17
N ILE A 118 -1.48 -8.62 11.06
CA ILE A 118 -1.18 -8.60 12.45
C ILE A 118 -1.56 -9.95 13.04
N THR A 119 -1.60 -10.05 14.36
CA THR A 119 -1.86 -11.32 15.02
C THR A 119 -3.05 -11.23 15.97
N LYS A 120 -3.62 -12.39 16.30
CA LYS A 120 -4.73 -12.47 17.24
C LYS A 120 -4.22 -11.85 18.53
N SER A 121 -3.06 -12.36 18.96
CA SER A 121 -2.30 -11.79 20.05
C SER A 121 -2.38 -10.26 20.07
N ALA A 122 -1.93 -9.66 18.98
CA ALA A 122 -1.89 -8.21 18.89
C ALA A 122 -3.27 -7.63 19.14
N LEU A 123 -4.25 -8.17 18.44
CA LEU A 123 -5.61 -7.66 18.50
C LEU A 123 -6.12 -7.55 19.93
N ALA A 124 -6.01 -8.65 20.66
CA ALA A 124 -6.41 -8.67 22.06
C ALA A 124 -5.97 -7.38 22.73
N LYS A 125 -4.74 -6.98 22.45
CA LYS A 125 -4.11 -5.86 23.13
C LYS A 125 -4.86 -4.55 22.92
N MET A 126 -5.75 -4.54 21.94
CA MET A 126 -6.59 -3.38 21.70
C MET A 126 -7.90 -3.58 22.44
N THR A 127 -7.82 -4.21 23.60
CA THR A 127 -9.00 -4.62 24.37
C THR A 127 -10.13 -4.91 23.40
N ILE A 128 -9.86 -5.77 22.44
CA ILE A 128 -10.91 -6.20 21.53
C ILE A 128 -11.71 -7.32 22.19
N GLY A 129 -11.19 -8.54 22.14
CA GLY A 129 -11.86 -9.68 22.73
C GLY A 129 -12.83 -10.35 21.77
N GLU A 130 -13.25 -11.57 22.12
CA GLU A 130 -14.12 -12.38 21.28
C GLU A 130 -15.52 -11.77 21.15
N ASP A 131 -15.73 -10.62 21.80
CA ASP A 131 -17.05 -10.00 21.87
C ASP A 131 -17.11 -8.64 21.17
N HIS A 132 -16.08 -7.82 21.37
CA HIS A 132 -16.00 -6.51 20.74
C HIS A 132 -16.44 -6.60 19.28
N PRO A 133 -17.38 -5.73 18.86
CA PRO A 133 -17.99 -5.68 17.53
C PRO A 133 -16.97 -5.56 16.40
N LEU A 134 -15.70 -5.64 16.76
CA LEU A 134 -14.62 -5.58 15.79
C LEU A 134 -13.95 -6.95 15.67
N PHE A 135 -14.21 -7.84 16.62
CA PHE A 135 -13.71 -9.21 16.52
C PHE A 135 -14.48 -9.94 15.42
N SER A 136 -15.47 -9.26 14.87
CA SER A 136 -16.31 -9.78 13.80
C SER A 136 -16.09 -8.98 12.53
N GLN A 137 -15.34 -7.90 12.66
CA GLN A 137 -15.08 -7.00 11.54
C GLN A 137 -13.88 -7.41 10.69
N VAL A 138 -13.18 -8.46 11.12
CA VAL A 138 -11.88 -8.79 10.53
C VAL A 138 -11.89 -10.05 9.69
N PHE A 139 -11.06 -10.07 8.66
CA PHE A 139 -10.89 -11.25 7.83
C PHE A 139 -9.74 -12.11 8.36
N TRP A 140 -10.08 -13.26 8.93
CA TRP A 140 -9.09 -14.11 9.56
C TRP A 140 -8.31 -15.00 8.60
N LEU A 141 -6.98 -15.01 8.75
CA LEU A 141 -6.11 -15.81 7.90
C LEU A 141 -5.94 -17.22 8.42
N ASP A 142 -6.27 -17.41 9.69
CA ASP A 142 -6.20 -18.70 10.34
C ASP A 142 -6.23 -18.54 11.84
N GLY A 143 -5.89 -19.61 12.55
CA GLY A 143 -5.88 -19.59 13.99
C GLY A 143 -5.55 -18.23 14.59
N LYS A 144 -4.41 -17.66 14.22
CA LYS A 144 -3.88 -16.51 14.95
C LYS A 144 -3.60 -15.23 14.12
N LYS A 145 -3.50 -15.34 12.81
CA LYS A 145 -3.26 -14.13 12.01
C LYS A 145 -4.54 -13.58 11.37
N CYS A 146 -4.45 -12.34 10.87
CA CYS A 146 -5.57 -11.69 10.22
C CYS A 146 -5.17 -10.31 9.71
N LEU A 147 -6.07 -9.68 8.96
CA LEU A 147 -5.79 -8.38 8.33
C LEU A 147 -6.15 -7.19 9.22
N ARG A 148 -5.21 -6.25 9.34
CA ARG A 148 -5.33 -5.14 10.27
C ARG A 148 -6.56 -4.25 10.08
N PRO A 149 -7.54 -4.33 10.98
CA PRO A 149 -8.68 -3.40 10.91
C PRO A 149 -8.25 -1.95 11.15
N MET A 150 -7.14 -1.72 11.87
CA MET A 150 -6.60 -0.37 11.99
C MET A 150 -5.09 -0.33 11.94
N LEU A 151 -4.56 0.84 12.25
CA LEU A 151 -3.13 1.09 12.21
C LEU A 151 -2.50 1.14 13.61
N ALA A 152 -3.34 1.31 14.63
CA ALA A 152 -2.89 1.43 16.02
C ALA A 152 -1.83 0.42 16.51
N PRO A 153 -2.13 -0.89 16.39
CA PRO A 153 -1.28 -1.90 17.03
C PRO A 153 0.05 -2.09 16.30
N ASN A 154 0.33 -1.23 15.32
CA ASN A 154 1.57 -1.30 14.60
C ASN A 154 2.35 -0.08 14.96
N LEU A 155 1.62 0.97 15.28
CA LEU A 155 2.22 2.22 15.70
C LEU A 155 2.47 2.13 17.20
N TYR A 156 1.48 1.62 17.92
CA TYR A 156 1.64 1.29 19.34
C TYR A 156 2.85 0.40 19.48
N THR A 157 3.00 -0.56 18.57
CA THR A 157 4.14 -1.46 18.58
C THR A 157 5.41 -0.65 18.33
N LEU A 158 5.51 -0.07 17.13
CA LEU A 158 6.65 0.81 16.83
C LEU A 158 6.95 1.86 17.91
N TRP A 159 5.91 2.38 18.56
CA TRP A 159 6.06 3.34 19.64
C TRP A 159 7.08 2.86 20.68
N ARG A 160 6.84 1.67 21.20
CA ARG A 160 7.68 1.04 22.23
C ARG A 160 9.16 1.36 22.16
N GLU A 161 9.77 1.13 20.99
CA GLU A 161 11.22 1.24 20.90
C GLU A 161 11.63 2.69 20.80
N LEU A 162 11.10 3.36 19.79
CA LEU A 162 11.46 4.74 19.55
C LEU A 162 11.32 5.59 20.81
N GLU A 163 10.37 5.24 21.67
CA GLU A 163 10.22 5.96 22.92
C GLU A 163 11.55 5.91 23.65
N ARG A 164 12.17 4.73 23.58
CA ARG A 164 13.49 4.50 24.14
C ARG A 164 14.58 5.32 23.48
N LEU A 165 14.70 5.15 22.17
CA LEU A 165 15.85 5.62 21.40
C LEU A 165 15.77 7.08 20.97
N TRP A 166 14.56 7.64 20.94
CA TRP A 166 14.39 9.02 20.48
C TRP A 166 13.79 9.90 21.55
N ASP A 167 14.21 11.16 21.56
CA ASP A 167 13.69 12.11 22.51
C ASP A 167 12.28 12.51 22.13
N LYS A 168 11.45 12.76 23.13
CA LYS A 168 10.10 13.24 22.93
C LYS A 168 10.10 14.71 22.56
N PRO A 169 9.16 15.13 21.69
CA PRO A 169 8.10 14.27 21.14
C PRO A 169 8.55 13.33 20.02
N ILE A 170 7.83 12.24 19.83
CA ILE A 170 8.04 11.39 18.67
C ILE A 170 6.87 11.53 17.72
N ARG A 171 7.13 12.08 16.54
CA ARG A 171 6.08 12.25 15.55
C ARG A 171 6.25 11.22 14.43
N ILE A 172 5.31 10.28 14.35
CA ILE A 172 5.30 9.34 13.22
C ILE A 172 3.90 9.08 12.68
N PHE A 173 3.80 8.90 11.37
CA PHE A 173 2.52 8.53 10.75
C PHE A 173 2.69 7.35 9.80
N GLU A 174 1.57 6.79 9.40
CA GLU A 174 1.55 5.78 8.35
C GLU A 174 0.28 5.88 7.53
N ILE A 175 0.45 5.81 6.22
CA ILE A 175 -0.66 5.70 5.27
C ILE A 175 -0.68 4.31 4.67
N GLY A 176 -1.70 3.52 5.01
CA GLY A 176 -1.79 2.16 4.53
C GLY A 176 -3.21 1.62 4.42
N THR A 177 -3.36 0.55 3.66
CA THR A 177 -4.66 -0.09 3.52
C THR A 177 -5.09 -0.79 4.81
N CYS A 178 -6.25 -0.42 5.32
CA CYS A 178 -6.91 -1.18 6.38
C CYS A 178 -8.07 -2.01 5.84
N TYR A 179 -8.67 -2.81 6.72
CA TYR A 179 -9.68 -3.76 6.26
C TYR A 179 -10.84 -3.91 7.21
N ARG A 180 -12.04 -3.98 6.64
CA ARG A 180 -13.23 -4.36 7.41
C ARG A 180 -14.17 -5.22 6.55
N LYS A 181 -14.92 -6.09 7.22
CA LYS A 181 -15.59 -7.21 6.57
C LYS A 181 -17.07 -6.96 6.25
N GLU A 182 -17.82 -6.61 7.28
CA GLU A 182 -19.22 -6.28 7.15
C GLU A 182 -19.35 -4.91 6.47
N SER A 183 -18.23 -4.17 6.51
CA SER A 183 -18.20 -2.81 6.01
C SER A 183 -18.26 -2.74 4.48
N GLN A 184 -19.45 -2.47 3.95
CA GLN A 184 -19.63 -2.40 2.51
C GLN A 184 -20.88 -1.57 2.17
N GLY A 185 -20.68 -0.27 2.02
CA GLY A 185 -21.76 0.67 1.78
C GLY A 185 -21.31 1.90 1.01
N ALA A 186 -22.05 2.99 1.18
CA ALA A 186 -21.86 4.18 0.37
C ALA A 186 -20.84 5.10 1.00
N GLN A 187 -20.38 4.71 2.20
CA GLN A 187 -19.45 5.54 2.94
C GLN A 187 -18.34 4.66 3.55
N HIS A 188 -18.36 3.39 3.20
CA HIS A 188 -17.48 2.41 3.81
C HIS A 188 -16.97 1.45 2.74
N LEU A 189 -15.91 0.72 3.05
CA LEU A 189 -15.37 -0.23 2.08
C LEU A 189 -14.82 -1.45 2.78
N ASN A 190 -14.44 -2.46 2.00
CA ASN A 190 -13.76 -3.60 2.57
C ASN A 190 -12.28 -3.28 2.66
N GLU A 191 -11.79 -2.49 1.70
CA GLU A 191 -10.39 -2.04 1.69
C GLU A 191 -10.26 -0.53 1.61
N PHE A 192 -10.00 0.12 2.74
CA PHE A 192 -9.79 1.55 2.72
C PHE A 192 -8.38 1.97 3.08
N THR A 193 -7.86 2.90 2.31
CA THR A 193 -6.56 3.47 2.60
C THR A 193 -6.68 4.42 3.80
N MET A 194 -5.99 4.07 4.90
CA MET A 194 -6.06 4.84 6.15
C MET A 194 -4.77 5.60 6.44
N LEU A 195 -4.91 6.87 6.81
CA LEU A 195 -3.77 7.65 7.31
C LEU A 195 -3.87 7.86 8.82
N ASN A 196 -2.97 7.21 9.54
CA ASN A 196 -2.92 7.33 10.98
C ASN A 196 -1.64 8.02 11.41
N LEU A 197 -1.81 9.16 12.07
CA LEU A 197 -0.67 9.96 12.51
C LEU A 197 -0.70 10.19 14.02
N THR A 198 0.46 10.08 14.67
CA THR A 198 0.52 10.11 16.13
C THR A 198 1.71 10.90 16.68
N GLU A 199 1.55 11.39 17.92
CA GLU A 199 2.65 12.04 18.62
C GLU A 199 2.79 11.55 20.06
N LEU A 200 3.97 11.02 20.36
CA LEU A 200 4.26 10.49 21.67
C LEU A 200 4.98 11.53 22.51
N GLY A 201 4.43 11.81 23.69
CA GLY A 201 5.02 12.78 24.59
C GLY A 201 4.43 14.17 24.41
N THR A 202 3.10 14.23 24.30
CA THR A 202 2.42 15.52 24.19
C THR A 202 2.20 16.08 25.59
N PRO A 203 2.63 17.32 25.85
CA PRO A 203 2.36 17.91 27.16
C PRO A 203 0.86 17.84 27.45
N LEU A 204 0.49 17.32 28.62
CA LEU A 204 -0.92 17.11 28.94
C LEU A 204 -1.78 18.28 28.52
N GLU A 205 -1.22 19.49 28.60
CA GLU A 205 -1.96 20.71 28.29
C GLU A 205 -2.17 20.96 26.79
N GLU A 206 -1.17 20.63 25.98
CA GLU A 206 -1.31 20.79 24.53
C GLU A 206 -1.93 19.57 23.86
N ARG A 207 -2.29 18.57 24.67
CA ARG A 207 -2.92 17.35 24.17
C ARG A 207 -4.04 17.69 23.20
N HIS A 208 -4.79 18.76 23.50
CA HIS A 208 -5.91 19.18 22.66
C HIS A 208 -5.46 20.05 21.50
N GLN A 209 -4.95 21.23 21.81
CA GLN A 209 -4.38 22.11 20.81
C GLN A 209 -3.72 21.29 19.71
N ARG A 210 -3.02 20.24 20.11
CA ARG A 210 -2.29 19.41 19.16
C ARG A 210 -3.19 18.82 18.10
N LEU A 211 -4.24 18.12 18.54
CA LEU A 211 -5.12 17.44 17.62
C LEU A 211 -5.53 18.37 16.48
N GLU A 212 -5.88 19.61 16.84
CA GLU A 212 -6.27 20.60 15.86
C GLU A 212 -5.14 20.84 14.87
N ASP A 213 -3.95 21.09 15.40
CA ASP A 213 -2.75 21.27 14.58
C ASP A 213 -2.60 20.21 13.52
N MET A 214 -2.72 18.94 13.92
CA MET A 214 -2.65 17.84 12.96
C MET A 214 -3.78 17.96 11.95
N ALA A 215 -5.00 17.93 12.47
CA ALA A 215 -6.15 18.09 11.63
C ALA A 215 -5.83 19.17 10.59
N ARG A 216 -5.62 20.38 11.06
CA ARG A 216 -5.40 21.52 10.18
C ARG A 216 -4.20 21.37 9.25
N TRP A 217 -3.26 20.51 9.61
CA TRP A 217 -2.14 20.21 8.73
C TRP A 217 -2.60 19.42 7.52
N VAL A 218 -3.30 18.32 7.79
CA VAL A 218 -3.76 17.37 6.77
C VAL A 218 -4.78 17.96 5.79
N LEU A 219 -5.86 18.51 6.34
CA LEU A 219 -6.89 19.10 5.52
C LEU A 219 -6.29 20.20 4.64
N GLU A 220 -5.50 21.09 5.22
CA GLU A 220 -4.96 22.19 4.42
C GLU A 220 -3.95 21.64 3.41
N ALA A 221 -3.82 20.32 3.39
CA ALA A 221 -2.91 19.67 2.49
C ALA A 221 -3.75 19.07 1.38
N ALA A 222 -4.96 18.66 1.75
CA ALA A 222 -5.94 18.18 0.79
C ALA A 222 -6.94 19.31 0.53
N GLY A 223 -6.45 20.54 0.67
CA GLY A 223 -7.23 21.75 0.48
C GLY A 223 -8.66 21.65 0.96
N ILE A 224 -8.85 21.69 2.27
CA ILE A 224 -10.20 21.66 2.83
C ILE A 224 -10.40 22.78 3.85
N ARG A 225 -11.54 23.46 3.76
CA ARG A 225 -11.80 24.67 4.54
C ARG A 225 -12.78 24.45 5.67
N GLU A 226 -14.06 24.62 5.37
CA GLU A 226 -15.12 24.41 6.34
C GLU A 226 -14.96 23.04 7.00
N PHE A 227 -14.44 23.01 8.22
CA PHE A 227 -14.30 21.76 8.96
C PHE A 227 -14.69 21.91 10.43
N GLU A 228 -15.39 20.91 10.93
CA GLU A 228 -15.93 20.91 12.28
C GLU A 228 -15.23 19.84 13.11
N LEU A 229 -14.75 20.23 14.29
CA LEU A 229 -14.10 19.30 15.20
C LEU A 229 -15.06 18.89 16.31
N VAL A 230 -15.98 17.99 15.98
CA VAL A 230 -16.95 17.53 16.97
C VAL A 230 -16.26 16.79 18.10
N THR A 231 -16.09 17.48 19.22
CA THR A 231 -15.48 16.88 20.39
C THR A 231 -16.49 16.02 21.13
N GLU A 232 -16.31 14.71 21.10
CA GLU A 232 -17.09 13.81 21.92
C GLU A 232 -16.39 13.70 23.28
N SER A 233 -17.09 13.26 24.31
CA SER A 233 -16.46 13.15 25.62
C SER A 233 -17.23 12.32 26.65
N SER A 234 -16.50 11.40 27.27
CA SER A 234 -17.03 10.58 28.35
C SER A 234 -15.98 10.44 29.46
N VAL A 235 -16.44 10.23 30.69
CA VAL A 235 -15.52 10.04 31.81
C VAL A 235 -14.93 8.63 31.78
N VAL A 236 -14.97 7.99 30.60
CA VAL A 236 -14.56 6.60 30.47
C VAL A 236 -13.55 6.36 29.35
N TYR A 237 -13.70 7.08 28.24
CA TYR A 237 -12.81 6.92 27.08
C TYR A 237 -11.91 8.14 26.89
N GLY A 238 -12.20 9.20 27.65
CA GLY A 238 -11.52 10.47 27.47
C GLY A 238 -12.37 11.35 26.58
N ASP A 239 -11.71 12.11 25.71
CA ASP A 239 -12.41 13.05 24.85
C ASP A 239 -12.38 12.63 23.37
N THR A 240 -12.83 11.40 23.08
CA THR A 240 -12.79 10.84 21.73
C THR A 240 -13.17 11.87 20.67
N VAL A 241 -12.26 12.13 19.74
CA VAL A 241 -12.45 13.19 18.76
C VAL A 241 -12.86 12.64 17.39
N ASP A 242 -13.65 13.43 16.66
CA ASP A 242 -14.03 13.11 15.28
C ASP A 242 -13.91 14.34 14.39
N VAL A 243 -13.00 14.28 13.42
CA VAL A 243 -12.83 15.34 12.41
C VAL A 243 -13.96 15.28 11.37
N MET A 244 -14.75 16.34 11.26
CA MET A 244 -15.95 16.29 10.42
C MET A 244 -16.30 17.54 9.62
N LYS A 245 -16.82 17.33 8.41
CA LYS A 245 -17.41 18.40 7.63
C LYS A 245 -18.93 18.39 7.78
N GLY A 246 -19.38 18.73 8.99
CA GLY A 246 -20.80 18.83 9.30
C GLY A 246 -21.52 17.50 9.47
N ASP A 247 -21.72 16.80 8.36
CA ASP A 247 -22.48 15.55 8.35
C ASP A 247 -21.56 14.36 8.17
N LEU A 248 -20.47 14.57 7.43
CA LEU A 248 -19.52 13.51 7.16
C LEU A 248 -18.40 13.49 8.20
N GLU A 249 -17.85 12.29 8.47
CA GLU A 249 -16.69 12.15 9.34
C GLU A 249 -15.45 11.80 8.52
N LEU A 250 -14.39 12.58 8.69
CA LEU A 250 -13.15 12.37 7.93
C LEU A 250 -12.08 11.66 8.77
N ALA A 251 -12.13 11.89 10.08
CA ALA A 251 -11.18 11.24 10.94
C ALA A 251 -11.76 11.02 12.33
N SER A 252 -11.18 10.07 13.04
CA SER A 252 -11.49 9.87 14.46
C SER A 252 -10.19 9.71 15.23
N GLY A 253 -9.94 10.62 16.16
CA GLY A 253 -8.73 10.59 16.95
C GLY A 253 -8.95 10.23 18.40
N ALA A 254 -7.85 9.89 19.07
CA ALA A 254 -7.88 9.63 20.50
C ALA A 254 -6.62 10.20 21.14
N MET A 255 -6.61 10.26 22.46
CA MET A 255 -5.46 10.77 23.18
C MET A 255 -5.21 9.94 24.43
N GLY A 256 -3.98 10.02 24.95
CA GLY A 256 -3.60 9.38 26.18
C GLY A 256 -3.06 10.39 27.18
N PRO A 257 -2.74 9.94 28.40
CA PRO A 257 -2.81 8.53 28.81
C PRO A 257 -4.20 7.95 28.73
N HIS A 258 -4.24 6.68 28.35
CA HIS A 258 -5.44 6.02 27.86
C HIS A 258 -5.45 4.59 28.38
N PHE A 259 -6.63 4.02 28.57
CA PHE A 259 -6.78 2.77 29.31
C PHE A 259 -6.03 1.59 28.69
N LEU A 260 -5.72 1.68 27.41
CA LEU A 260 -4.99 0.60 26.75
C LEU A 260 -3.52 0.62 27.13
N ASP A 261 -3.02 1.80 27.45
CA ASP A 261 -1.59 2.06 27.56
C ASP A 261 -0.77 1.03 28.36
N GLU A 262 -1.33 0.55 29.47
CA GLU A 262 -0.66 -0.45 30.30
C GLU A 262 -0.41 -1.75 29.53
N LYS A 263 -1.18 -1.97 28.46
CA LYS A 263 -1.10 -3.19 27.65
C LYS A 263 -0.13 -3.03 26.50
N TRP A 264 0.26 -1.79 26.23
CA TRP A 264 1.24 -1.52 25.20
C TRP A 264 2.45 -0.90 25.86
N GLU A 265 2.49 -1.04 27.18
CA GLU A 265 3.57 -0.49 27.99
C GLU A 265 3.88 0.93 27.55
N ILE A 266 2.89 1.80 27.67
CA ILE A 266 3.03 3.19 27.26
C ILE A 266 2.62 4.11 28.39
N PHE A 267 3.62 4.73 29.02
CA PHE A 267 3.36 5.54 30.19
C PHE A 267 3.73 6.97 29.87
N ASP A 268 2.89 7.56 29.02
CA ASP A 268 3.18 8.81 28.34
C ASP A 268 1.90 9.35 27.71
N PRO A 269 1.75 10.69 27.73
CA PRO A 269 0.65 11.37 27.05
C PRO A 269 0.90 11.32 25.54
N TRP A 270 -0.16 11.18 24.75
CA TRP A 270 -0.03 11.10 23.31
C TRP A 270 -1.34 11.53 22.67
N VAL A 271 -1.26 11.95 21.40
CA VAL A 271 -2.44 12.15 20.59
C VAL A 271 -2.33 11.35 19.31
N GLY A 272 -3.48 10.94 18.76
CA GLY A 272 -3.53 10.22 17.49
C GLY A 272 -4.77 10.56 16.68
N LEU A 273 -4.69 10.34 15.36
CA LEU A 273 -5.77 10.69 14.44
C LEU A 273 -5.82 9.75 13.24
N GLY A 274 -7.01 9.21 12.97
CA GLY A 274 -7.19 8.31 11.84
C GLY A 274 -8.04 8.85 10.69
N PHE A 275 -7.41 9.00 9.53
CA PHE A 275 -8.09 9.50 8.33
C PHE A 275 -8.36 8.38 7.33
N GLY A 276 -9.46 8.54 6.59
CA GLY A 276 -9.75 7.67 5.46
C GLY A 276 -9.58 8.49 4.21
N LEU A 277 -8.45 8.34 3.53
CA LEU A 277 -8.14 9.10 2.32
C LEU A 277 -9.30 9.13 1.34
N GLU A 278 -9.86 7.96 1.08
CA GLU A 278 -10.99 7.86 0.19
C GLU A 278 -12.00 8.96 0.50
N ARG A 279 -12.30 9.15 1.78
CA ARG A 279 -13.29 10.15 2.18
C ARG A 279 -12.88 11.59 1.87
N LEU A 280 -11.58 11.86 1.89
CA LEU A 280 -11.10 13.19 1.59
C LEU A 280 -11.38 13.53 0.15
N LEU A 281 -10.99 12.63 -0.75
CA LEU A 281 -11.36 12.73 -2.14
C LEU A 281 -12.87 12.88 -2.27
N MET A 282 -13.62 12.21 -1.39
CA MET A 282 -15.07 12.27 -1.49
C MET A 282 -15.59 13.68 -1.30
N ILE A 283 -14.73 14.57 -0.85
CA ILE A 283 -15.11 15.96 -0.67
C ILE A 283 -14.32 16.82 -1.63
N ARG A 284 -12.99 16.64 -1.58
CA ARG A 284 -12.10 17.34 -2.48
C ARG A 284 -12.65 17.27 -3.90
N GLU A 285 -13.19 16.10 -4.27
CA GLU A 285 -13.78 15.89 -5.58
C GLU A 285 -15.29 15.79 -5.52
N GLY A 286 -15.87 16.59 -4.63
CA GLY A 286 -17.31 16.72 -4.44
C GLY A 286 -18.19 15.50 -4.68
N THR A 287 -17.58 14.32 -4.78
CA THR A 287 -18.30 13.14 -5.22
C THR A 287 -19.40 12.66 -4.24
N GLN A 288 -20.11 11.61 -4.61
CA GLN A 288 -21.34 11.22 -3.92
C GLN A 288 -21.17 9.96 -3.07
N HIS A 289 -20.32 9.05 -3.53
CA HIS A 289 -19.90 7.92 -2.71
C HIS A 289 -18.38 7.74 -2.74
N VAL A 290 -17.86 6.75 -2.04
CA VAL A 290 -16.40 6.67 -1.94
C VAL A 290 -15.68 5.69 -2.91
N GLN A 291 -16.43 4.75 -3.46
CA GLN A 291 -15.81 3.68 -4.24
C GLN A 291 -15.21 4.17 -5.56
N SER A 292 -15.44 5.45 -5.84
CA SER A 292 -15.02 6.10 -7.07
C SER A 292 -13.50 6.24 -7.20
N MET A 293 -12.82 6.40 -6.07
CA MET A 293 -11.37 6.61 -6.09
C MET A 293 -10.61 5.61 -5.21
N ALA A 294 -11.36 4.73 -4.57
CA ALA A 294 -10.82 3.64 -3.75
C ALA A 294 -10.03 2.65 -4.59
N ARG A 295 -9.45 1.64 -3.95
CA ARG A 295 -8.86 0.52 -4.66
C ARG A 295 -9.99 -0.12 -5.44
N SER A 296 -9.82 -0.26 -6.75
CA SER A 296 -10.92 -0.72 -7.59
C SER A 296 -10.56 -1.19 -9.01
N LEU A 297 -11.28 -2.22 -9.47
CA LEU A 297 -11.21 -2.63 -10.87
C LEU A 297 -12.44 -2.11 -11.65
N SER A 298 -13.34 -1.42 -10.97
CA SER A 298 -14.53 -0.89 -11.63
C SER A 298 -14.40 0.59 -11.89
N TYR A 299 -13.37 1.21 -11.32
CA TYR A 299 -13.16 2.63 -11.56
C TYR A 299 -11.72 2.93 -11.94
N LEU A 300 -11.40 4.22 -11.99
CA LEU A 300 -10.05 4.65 -12.30
C LEU A 300 -9.98 6.16 -12.30
N ASP A 301 -9.50 6.71 -11.20
CA ASP A 301 -9.48 8.13 -10.98
C ASP A 301 -10.91 8.62 -10.95
N GLY A 302 -11.78 7.84 -10.32
CA GLY A 302 -13.14 8.25 -10.09
C GLY A 302 -14.04 8.19 -11.31
N VAL A 303 -13.51 7.62 -12.39
CA VAL A 303 -14.27 7.48 -13.63
C VAL A 303 -14.71 6.03 -13.84
N ARG A 304 -16.02 5.81 -13.74
CA ARG A 304 -16.59 4.48 -13.96
C ARG A 304 -16.10 3.91 -15.28
N LEU A 305 -15.72 2.64 -15.26
CA LEU A 305 -15.03 2.05 -16.41
C LEU A 305 -15.89 1.48 -17.55
N ASN A 306 -17.08 0.97 -17.24
CA ASN A 306 -17.90 0.38 -18.30
C ASN A 306 -18.58 1.44 -19.12
N ILE A 307 -17.84 2.46 -19.52
CA ILE A 307 -18.43 3.48 -20.37
C ILE A 307 -17.91 3.34 -21.80
N ASN A 308 -18.68 3.84 -22.77
CA ASN A 308 -18.16 3.97 -24.13
C ASN A 308 -18.15 5.40 -24.69
N LEU B 30 42.38 -22.35 13.17
CA LEU B 30 41.59 -21.52 14.06
C LEU B 30 40.13 -21.94 14.04
N SER B 31 39.83 -22.93 14.88
CA SER B 31 38.60 -23.72 14.79
C SER B 31 37.41 -23.20 15.58
N SER B 32 37.34 -21.88 15.78
CA SER B 32 36.24 -21.29 16.54
C SER B 32 35.69 -20.01 15.91
N PHE B 33 34.80 -20.18 14.93
CA PHE B 33 34.13 -19.07 14.25
C PHE B 33 33.02 -18.46 15.12
N TRP B 34 31.89 -18.07 14.52
CA TRP B 34 30.80 -17.43 15.26
C TRP B 34 29.85 -18.42 15.91
N THR B 35 29.37 -18.12 17.11
CA THR B 35 28.43 -19.05 17.75
C THR B 35 27.13 -19.16 16.94
N LYS B 36 26.34 -20.19 17.22
CA LYS B 36 25.02 -20.34 16.63
C LYS B 36 24.34 -18.98 16.69
N VAL B 37 23.98 -18.58 17.91
CA VAL B 37 23.35 -17.30 18.17
C VAL B 37 24.05 -16.11 17.49
N GLN B 38 25.22 -15.75 17.98
CA GLN B 38 25.93 -14.55 17.54
C GLN B 38 25.82 -14.29 16.05
N TYR B 39 26.07 -15.32 15.25
CA TYR B 39 25.97 -15.18 13.80
C TYR B 39 24.59 -14.67 13.44
N GLN B 40 23.58 -15.33 13.98
CA GLN B 40 22.19 -15.01 13.73
C GLN B 40 21.83 -13.61 14.23
N ARG B 41 22.49 -13.17 15.29
CA ARG B 41 22.23 -11.84 15.85
C ARG B 41 22.94 -10.73 15.06
N LEU B 42 23.94 -11.11 14.27
CA LEU B 42 24.70 -10.15 13.49
C LEU B 42 24.07 -9.86 12.12
N LYS B 43 22.99 -10.58 11.81
CA LYS B 43 22.19 -10.24 10.63
C LYS B 43 21.25 -9.12 11.03
N GLU B 44 20.44 -9.37 12.06
CA GLU B 44 19.57 -8.36 12.62
C GLU B 44 20.27 -7.00 12.62
N LEU B 45 21.57 -7.02 12.88
CA LEU B 45 22.34 -5.78 13.01
C LEU B 45 22.98 -5.37 11.71
N ASN B 46 22.93 -6.24 10.71
CA ASN B 46 23.30 -5.87 9.36
C ASN B 46 24.82 -5.87 9.22
N ALA B 47 25.41 -7.03 9.40
CA ALA B 47 26.86 -7.18 9.26
C ALA B 47 27.23 -7.41 7.81
N SER B 48 28.37 -6.88 7.40
CA SER B 48 28.90 -7.15 6.07
C SER B 48 29.30 -8.62 5.96
N GLY B 49 29.08 -9.22 4.78
CA GLY B 49 29.44 -10.61 4.56
C GLY B 49 30.83 -10.91 5.08
N GLU B 50 31.69 -9.90 5.02
CA GLU B 50 33.01 -9.96 5.62
C GLU B 50 32.87 -10.36 7.07
N GLN B 51 32.41 -9.42 7.88
CA GLN B 51 32.24 -9.66 9.31
C GLN B 51 31.56 -11.00 9.62
N LEU B 52 30.61 -11.41 8.79
CA LEU B 52 29.97 -12.70 8.95
C LEU B 52 30.97 -13.84 8.86
N GLU B 53 31.61 -13.93 7.69
CA GLU B 53 32.58 -14.97 7.39
C GLU B 53 33.86 -14.85 8.23
N MET B 54 33.73 -14.21 9.38
CA MET B 54 34.85 -14.06 10.29
C MET B 54 34.93 -15.24 11.25
N GLY B 55 36.14 -15.59 11.64
CA GLY B 55 36.38 -16.71 12.52
C GLY B 55 37.64 -16.45 13.31
N PHE B 56 37.82 -17.20 14.39
CA PHE B 56 38.93 -16.93 15.29
C PHE B 56 39.69 -18.16 15.72
N SER B 57 40.85 -17.91 16.33
CA SER B 57 41.71 -18.93 16.90
C SER B 57 40.97 -19.62 18.03
N ASP B 58 40.45 -18.80 18.94
CA ASP B 58 39.77 -19.30 20.13
C ASP B 58 38.38 -18.71 20.27
N ALA B 59 37.88 -18.74 21.50
CA ALA B 59 36.55 -18.27 21.83
C ALA B 59 36.60 -16.91 22.51
N LEU B 60 37.35 -16.80 23.60
CA LEU B 60 37.38 -15.57 24.36
C LEU B 60 37.77 -14.39 23.46
N SER B 61 38.43 -14.70 22.34
CA SER B 61 38.81 -13.66 21.37
C SER B 61 37.65 -13.31 20.44
N ARG B 62 36.85 -14.30 20.08
CA ARG B 62 35.66 -14.11 19.25
C ARG B 62 34.52 -13.50 20.06
N ASP B 63 34.30 -14.01 21.27
CA ASP B 63 33.24 -13.50 22.13
C ASP B 63 33.49 -12.03 22.50
N ARG B 64 34.73 -11.58 22.34
CA ARG B 64 35.12 -10.21 22.65
C ARG B 64 35.15 -9.37 21.38
N ALA B 65 35.52 -10.00 20.27
CA ALA B 65 35.49 -9.36 18.96
C ALA B 65 34.05 -9.03 18.57
N PHE B 66 33.15 -9.98 18.85
CA PHE B 66 31.72 -9.76 18.74
C PHE B 66 31.33 -8.39 19.28
N GLN B 67 31.21 -8.26 20.60
CA GLN B 67 30.68 -7.04 21.22
C GLN B 67 31.38 -5.77 20.74
N GLY B 68 32.52 -5.94 20.07
CA GLY B 68 33.25 -4.81 19.51
C GLY B 68 32.52 -4.35 18.27
N ILE B 69 32.06 -5.33 17.50
CA ILE B 69 31.19 -5.08 16.37
C ILE B 69 29.83 -4.55 16.85
N GLU B 70 29.13 -5.32 17.68
CA GLU B 70 27.88 -4.85 18.26
C GLU B 70 27.87 -3.33 18.39
N HIS B 71 28.64 -2.80 19.34
CA HIS B 71 28.73 -1.36 19.52
C HIS B 71 28.80 -0.69 18.15
N GLN B 72 29.80 -1.06 17.36
CA GLN B 72 29.98 -0.50 16.02
C GLN B 72 28.69 -0.48 15.17
N LEU B 73 27.94 -1.57 15.21
CA LEU B 73 26.71 -1.70 14.43
C LEU B 73 25.52 -1.05 15.13
N MET B 74 25.27 -1.48 16.35
CA MET B 74 24.24 -0.87 17.16
C MET B 74 24.44 0.65 17.21
N SER B 75 25.67 1.10 16.98
CA SER B 75 25.94 2.52 16.86
C SER B 75 25.41 3.04 15.54
N GLN B 76 26.00 2.56 14.44
CA GLN B 76 25.56 2.95 13.10
C GLN B 76 24.05 3.02 12.96
N GLY B 77 23.37 2.00 13.50
CA GLY B 77 21.93 1.95 13.50
C GLY B 77 21.35 3.26 13.97
N LYS B 78 21.67 3.60 15.20
CA LYS B 78 21.22 4.85 15.81
C LYS B 78 21.37 6.09 14.90
N ARG B 79 22.45 6.13 14.12
CA ARG B 79 22.72 7.24 13.21
C ARG B 79 21.86 7.21 11.94
N HIS B 80 21.71 6.04 11.34
CA HIS B 80 20.84 5.89 10.19
C HIS B 80 19.46 6.35 10.64
N LEU B 81 19.16 6.11 11.91
CA LEU B 81 17.88 6.51 12.47
C LEU B 81 17.79 8.01 12.66
N GLU B 82 18.88 8.61 13.08
CA GLU B 82 18.86 10.03 13.36
C GLU B 82 18.64 10.81 12.06
N GLN B 83 19.25 10.34 10.99
CA GLN B 83 18.94 10.88 9.67
C GLN B 83 17.45 10.73 9.44
N LEU B 84 17.01 9.49 9.24
CA LEU B 84 15.60 9.17 9.00
C LEU B 84 14.68 9.94 9.93
N ARG B 85 15.15 10.28 11.11
CA ARG B 85 14.34 11.03 12.06
C ARG B 85 14.30 12.54 11.78
N THR B 86 15.35 13.08 11.17
CA THR B 86 15.48 14.53 11.09
C THR B 86 15.61 15.14 9.69
N VAL B 87 15.75 14.31 8.66
CA VAL B 87 15.79 14.78 7.27
C VAL B 87 14.92 13.94 6.35
N LYS B 88 15.06 12.63 6.42
CA LYS B 88 14.50 11.75 5.40
C LYS B 88 13.02 11.38 5.66
N HIS B 89 12.61 11.44 6.92
CA HIS B 89 11.21 11.26 7.34
C HIS B 89 10.47 10.05 6.77
N ARG B 90 11.19 9.21 6.02
CA ARG B 90 10.59 7.98 5.51
C ARG B 90 11.63 6.88 5.27
N PRO B 91 11.20 5.62 5.50
CA PRO B 91 11.91 4.35 5.29
C PRO B 91 12.51 4.30 3.91
N ALA B 92 13.57 3.52 3.74
CA ALA B 92 14.20 3.38 2.44
C ALA B 92 13.27 2.68 1.46
N LEU B 93 12.22 2.07 2.00
CA LEU B 93 11.20 1.41 1.18
C LEU B 93 10.31 2.38 0.38
N LEU B 94 10.02 3.54 0.96
CA LEU B 94 9.18 4.53 0.29
C LEU B 94 10.01 5.42 -0.62
N GLU B 95 11.31 5.52 -0.33
CA GLU B 95 12.23 6.23 -1.21
C GLU B 95 12.13 5.65 -2.61
N LEU B 96 12.02 4.33 -2.67
CA LEU B 96 12.01 3.61 -3.93
C LEU B 96 10.66 3.78 -4.61
N GLU B 97 9.60 3.39 -3.91
CA GLU B 97 8.25 3.55 -4.46
C GLU B 97 8.15 4.87 -5.25
N GLU B 98 8.27 6.00 -4.56
CA GLU B 98 8.18 7.28 -5.25
C GLU B 98 9.18 7.47 -6.38
N LYS B 99 10.43 7.06 -6.17
CA LYS B 99 11.46 7.27 -7.19
C LYS B 99 11.12 6.48 -8.44
N LEU B 100 10.47 5.34 -8.25
CA LEU B 100 10.15 4.44 -9.34
C LEU B 100 8.89 4.89 -10.09
N ALA B 101 7.82 5.12 -9.33
CA ALA B 101 6.60 5.69 -9.91
C ALA B 101 6.95 6.87 -10.81
N LYS B 102 7.60 7.88 -10.23
CA LYS B 102 8.05 9.04 -11.01
C LYS B 102 8.81 8.63 -12.27
N ALA B 103 9.81 7.79 -12.10
CA ALA B 103 10.66 7.41 -13.23
C ALA B 103 9.81 6.86 -14.35
N LEU B 104 8.69 6.24 -13.99
CA LEU B 104 7.81 5.62 -14.96
C LEU B 104 6.77 6.58 -15.54
N HIS B 105 6.22 7.45 -14.69
CA HIS B 105 5.35 8.54 -15.14
C HIS B 105 5.99 9.27 -16.31
N GLN B 106 7.31 9.35 -16.29
CA GLN B 106 8.06 10.04 -17.32
C GLN B 106 8.10 9.26 -18.62
N GLN B 107 8.07 7.93 -18.52
CA GLN B 107 7.94 7.10 -19.72
C GLN B 107 6.48 6.99 -20.16
N GLY B 108 5.61 7.78 -19.52
CA GLY B 108 4.21 7.83 -19.88
C GLY B 108 3.36 6.69 -19.36
N PHE B 109 3.91 5.91 -18.44
CA PHE B 109 3.15 4.82 -17.83
C PHE B 109 2.04 5.36 -16.94
N VAL B 110 0.94 4.64 -16.88
CA VAL B 110 -0.18 5.11 -16.09
C VAL B 110 -0.33 4.28 -14.84
N GLN B 111 0.19 4.82 -13.75
CA GLN B 111 0.05 4.16 -12.48
C GLN B 111 -1.40 4.06 -12.04
N VAL B 112 -1.74 2.87 -11.58
CA VAL B 112 -3.08 2.50 -11.19
C VAL B 112 -3.00 2.05 -9.73
N VAL B 113 -4.13 1.71 -9.12
CA VAL B 113 -4.11 1.08 -7.80
C VAL B 113 -5.37 0.24 -7.55
N THR B 114 -5.24 -1.04 -7.86
CA THR B 114 -6.31 -2.03 -7.73
C THR B 114 -6.48 -2.52 -6.29
N PRO B 115 -7.59 -3.26 -6.04
CA PRO B 115 -7.80 -3.87 -4.73
C PRO B 115 -6.72 -4.92 -4.43
N THR B 116 -6.72 -5.43 -3.21
CA THR B 116 -5.67 -6.35 -2.78
C THR B 116 -6.28 -7.73 -2.58
N ILE B 117 -7.60 -7.77 -2.60
CA ILE B 117 -8.32 -9.02 -2.50
C ILE B 117 -8.86 -9.33 -3.87
N ILE B 118 -8.65 -10.56 -4.32
CA ILE B 118 -9.22 -10.95 -5.59
C ILE B 118 -10.15 -12.11 -5.35
N THR B 119 -10.74 -12.62 -6.40
CA THR B 119 -11.75 -13.64 -6.22
C THR B 119 -11.17 -14.99 -6.59
N LYS B 120 -11.84 -16.05 -6.15
CA LYS B 120 -11.44 -17.39 -6.57
C LYS B 120 -11.53 -17.46 -8.09
N SER B 121 -12.53 -16.78 -8.65
CA SER B 121 -12.69 -16.72 -10.09
C SER B 121 -11.49 -16.07 -10.77
N ALA B 122 -10.99 -14.99 -10.20
CA ALA B 122 -9.92 -14.21 -10.81
C ALA B 122 -8.69 -15.06 -11.01
N LEU B 123 -8.31 -15.77 -9.94
CA LEU B 123 -7.19 -16.68 -9.95
C LEU B 123 -7.35 -17.69 -11.09
N ALA B 124 -8.37 -18.53 -10.97
CA ALA B 124 -8.60 -19.57 -11.95
C ALA B 124 -8.19 -19.15 -13.37
N LYS B 125 -8.52 -17.92 -13.76
CA LYS B 125 -8.22 -17.42 -15.10
C LYS B 125 -6.73 -17.41 -15.40
N MET B 126 -5.93 -17.51 -14.34
CA MET B 126 -4.49 -17.66 -14.44
C MET B 126 -4.15 -19.15 -14.50
N THR B 127 -4.92 -19.91 -15.28
CA THR B 127 -4.88 -21.37 -15.25
C THR B 127 -4.21 -21.85 -13.98
N ILE B 128 -4.92 -21.67 -12.87
CA ILE B 128 -4.44 -22.12 -11.58
C ILE B 128 -5.61 -22.80 -10.84
N GLY B 129 -5.92 -24.02 -11.26
CA GLY B 129 -6.99 -24.78 -10.63
C GLY B 129 -6.65 -25.15 -9.20
N GLU B 130 -7.52 -25.93 -8.57
CA GLU B 130 -7.31 -26.36 -7.18
C GLU B 130 -6.08 -27.27 -7.05
N ASP B 131 -5.36 -27.47 -8.15
CA ASP B 131 -4.18 -28.33 -8.18
C ASP B 131 -2.94 -27.68 -8.82
N HIS B 132 -2.84 -26.37 -8.69
CA HIS B 132 -1.65 -25.66 -9.19
C HIS B 132 -0.72 -25.34 -8.02
N PRO B 133 0.60 -25.35 -8.26
CA PRO B 133 1.65 -25.11 -7.26
C PRO B 133 1.45 -23.87 -6.38
N LEU B 134 0.54 -22.98 -6.75
CA LEU B 134 0.32 -21.76 -5.97
C LEU B 134 -1.11 -21.64 -5.40
N PHE B 135 -2.00 -22.55 -5.78
CA PHE B 135 -3.34 -22.58 -5.17
C PHE B 135 -3.17 -23.01 -3.73
N SER B 136 -2.02 -23.59 -3.45
CA SER B 136 -1.63 -23.96 -2.09
C SER B 136 -0.78 -22.85 -1.48
N GLN B 137 -0.52 -21.83 -2.29
CA GLN B 137 0.29 -20.70 -1.86
C GLN B 137 -0.55 -19.45 -1.59
N VAL B 138 -1.86 -19.65 -1.46
CA VAL B 138 -2.79 -18.51 -1.33
C VAL B 138 -3.39 -18.39 0.08
N PHE B 139 -3.47 -17.14 0.55
CA PHE B 139 -4.17 -16.78 1.78
C PHE B 139 -5.67 -16.65 1.54
N TRP B 140 -6.43 -17.70 1.81
CA TRP B 140 -7.87 -17.65 1.55
C TRP B 140 -8.69 -16.94 2.63
N LEU B 141 -9.48 -15.96 2.22
CA LEU B 141 -10.38 -15.26 3.14
C LEU B 141 -11.73 -15.96 3.31
N ASP B 142 -12.18 -16.66 2.29
CA ASP B 142 -13.36 -17.50 2.42
C ASP B 142 -13.50 -18.41 1.21
N GLY B 143 -14.73 -18.73 0.86
CA GLY B 143 -14.99 -19.52 -0.32
C GLY B 143 -14.34 -18.92 -1.56
N LYS B 144 -14.53 -17.63 -1.77
CA LYS B 144 -14.14 -17.03 -3.05
C LYS B 144 -13.35 -15.73 -2.95
N LYS B 145 -12.96 -15.35 -1.74
CA LYS B 145 -12.03 -14.23 -1.57
C LYS B 145 -10.60 -14.76 -1.30
N CYS B 146 -9.60 -13.95 -1.66
CA CYS B 146 -8.20 -14.33 -1.42
C CYS B 146 -7.22 -13.19 -1.71
N LEU B 147 -6.22 -13.05 -0.86
CA LEU B 147 -5.16 -12.04 -1.03
C LEU B 147 -4.33 -12.32 -2.28
N ARG B 148 -4.08 -11.28 -3.08
CA ARG B 148 -3.52 -11.47 -4.42
C ARG B 148 -2.07 -11.90 -4.40
N PRO B 149 -1.77 -13.05 -5.01
CA PRO B 149 -0.39 -13.52 -5.15
C PRO B 149 0.42 -12.73 -6.17
N MET B 150 -0.26 -11.95 -7.00
CA MET B 150 0.41 -11.21 -8.07
C MET B 150 -0.41 -9.98 -8.48
N LEU B 151 0.10 -9.23 -9.46
CA LEU B 151 -0.61 -8.06 -9.97
C LEU B 151 -1.26 -8.38 -11.30
N ALA B 152 -0.75 -9.40 -11.96
CA ALA B 152 -1.22 -9.79 -13.29
C ALA B 152 -2.74 -9.70 -13.46
N PRO B 153 -3.51 -10.51 -12.70
CA PRO B 153 -4.97 -10.57 -12.87
C PRO B 153 -5.60 -9.19 -12.74
N ASN B 154 -5.14 -8.41 -11.79
CA ASN B 154 -5.68 -7.06 -11.67
C ASN B 154 -5.36 -6.16 -12.87
N LEU B 155 -4.31 -6.48 -13.61
CA LEU B 155 -3.97 -5.71 -14.78
C LEU B 155 -4.64 -6.26 -16.06
N TYR B 156 -4.67 -7.58 -16.20
CA TYR B 156 -5.51 -8.20 -17.22
C TYR B 156 -6.89 -7.56 -17.17
N THR B 157 -7.45 -7.47 -15.97
CA THR B 157 -8.79 -6.95 -15.82
C THR B 157 -8.88 -5.52 -16.32
N LEU B 158 -8.08 -4.62 -15.77
CA LEU B 158 -8.13 -3.24 -16.25
C LEU B 158 -7.90 -3.18 -17.76
N TRP B 159 -6.90 -3.92 -18.24
CA TRP B 159 -6.59 -3.99 -19.67
C TRP B 159 -7.85 -4.14 -20.55
N ARG B 160 -8.71 -5.08 -20.17
CA ARG B 160 -9.98 -5.29 -20.86
C ARG B 160 -10.67 -3.98 -21.16
N GLU B 161 -11.04 -3.27 -20.10
CA GLU B 161 -11.84 -2.06 -20.24
C GLU B 161 -11.01 -0.89 -20.76
N LEU B 162 -9.71 -0.95 -20.57
CA LEU B 162 -8.86 0.14 -21.05
C LEU B 162 -8.54 0.01 -22.53
N GLU B 163 -8.40 -1.23 -22.99
CA GLU B 163 -8.08 -1.49 -24.39
C GLU B 163 -9.20 -0.91 -25.24
N ARG B 164 -10.43 -1.21 -24.81
CA ARG B 164 -11.64 -0.74 -25.45
C ARG B 164 -11.71 0.78 -25.52
N LEU B 165 -10.90 1.47 -24.73
CA LEU B 165 -11.05 2.92 -24.58
C LEU B 165 -9.90 3.80 -25.04
N TRP B 166 -8.68 3.26 -25.01
CA TRP B 166 -7.50 4.06 -25.33
C TRP B 166 -6.78 3.48 -26.51
N ASP B 167 -6.39 4.34 -27.43
CA ASP B 167 -5.60 3.87 -28.54
C ASP B 167 -4.29 3.37 -27.98
N LYS B 168 -3.76 2.31 -28.59
CA LYS B 168 -2.50 1.71 -28.18
C LYS B 168 -1.32 2.44 -28.83
N PRO B 169 -0.10 2.18 -28.35
CA PRO B 169 0.21 1.26 -27.24
C PRO B 169 -0.24 1.82 -25.90
N ILE B 170 -0.51 0.89 -24.99
CA ILE B 170 -1.03 1.25 -23.68
C ILE B 170 -0.05 0.87 -22.59
N ARG B 171 0.40 1.87 -21.83
CA ARG B 171 1.37 1.64 -20.78
C ARG B 171 0.80 1.99 -19.42
N ILE B 172 0.66 0.98 -18.56
CA ILE B 172 0.31 1.23 -17.17
C ILE B 172 1.20 0.42 -16.23
N PHE B 173 1.03 0.65 -14.93
CA PHE B 173 1.77 -0.10 -13.92
C PHE B 173 1.17 0.12 -12.55
N GLU B 174 1.51 -0.78 -11.62
CA GLU B 174 1.11 -0.65 -10.21
C GLU B 174 2.19 -1.16 -9.28
N ILE B 175 2.38 -0.46 -8.16
CA ILE B 175 3.18 -0.94 -7.04
C ILE B 175 2.25 -1.27 -5.87
N GLY B 176 2.35 -2.48 -5.34
CA GLY B 176 1.39 -2.92 -4.35
C GLY B 176 1.86 -4.13 -3.59
N THR B 177 1.32 -4.31 -2.39
CA THR B 177 1.75 -5.41 -1.54
C THR B 177 1.02 -6.72 -1.83
N CYS B 178 1.71 -7.68 -2.44
CA CYS B 178 1.12 -9.01 -2.66
C CYS B 178 1.50 -9.97 -1.53
N TYR B 179 0.79 -11.10 -1.43
CA TYR B 179 0.95 -12.01 -0.29
C TYR B 179 1.18 -13.44 -0.74
N ARG B 180 2.07 -14.14 -0.02
CA ARG B 180 2.32 -15.54 -0.31
C ARG B 180 2.74 -16.23 0.98
N LYS B 181 2.17 -17.41 1.25
CA LYS B 181 2.17 -17.97 2.60
C LYS B 181 3.05 -19.21 2.86
N GLU B 182 4.08 -19.38 2.03
CA GLU B 182 5.15 -20.33 2.32
C GLU B 182 6.40 -19.48 2.32
N SER B 183 6.28 -18.36 1.62
CA SER B 183 7.40 -17.47 1.33
C SER B 183 7.92 -16.77 2.58
N GLN B 184 8.99 -17.31 3.16
CA GLN B 184 9.67 -16.68 4.28
C GLN B 184 11.07 -17.27 4.42
N GLY B 185 12.06 -16.45 4.08
CA GLY B 185 13.44 -16.89 4.02
C GLY B 185 14.32 -15.67 3.90
N ALA B 186 15.50 -15.81 3.33
CA ALA B 186 16.45 -14.70 3.29
C ALA B 186 16.13 -13.69 2.18
N GLN B 187 15.48 -14.16 1.12
CA GLN B 187 15.03 -13.27 0.06
C GLN B 187 13.52 -13.30 -0.18
N HIS B 188 12.80 -14.02 0.66
CA HIS B 188 11.36 -14.20 0.45
C HIS B 188 10.57 -13.82 1.71
N LEU B 189 9.48 -13.07 1.52
CA LEU B 189 8.64 -12.66 2.65
C LEU B 189 7.19 -13.15 2.50
N ASN B 190 6.37 -12.92 3.52
CA ASN B 190 4.94 -13.22 3.40
C ASN B 190 4.20 -12.10 2.66
N GLU B 191 4.41 -10.87 3.08
CA GLU B 191 3.84 -9.73 2.36
C GLU B 191 4.93 -8.92 1.70
N PHE B 192 5.07 -9.04 0.39
CA PHE B 192 6.10 -8.25 -0.29
C PHE B 192 5.54 -7.22 -1.26
N THR B 193 6.37 -6.22 -1.55
CA THR B 193 5.96 -5.09 -2.38
C THR B 193 6.40 -5.27 -3.84
N MET B 194 5.42 -5.27 -4.74
CA MET B 194 5.63 -5.62 -6.14
C MET B 194 5.46 -4.42 -7.07
N LEU B 195 6.29 -4.35 -8.08
CA LEU B 195 6.08 -3.39 -9.15
C LEU B 195 5.92 -4.12 -10.46
N ASN B 196 4.65 -4.28 -10.85
CA ASN B 196 4.32 -4.82 -12.14
C ASN B 196 4.05 -3.68 -13.11
N LEU B 197 4.86 -3.60 -14.15
CA LEU B 197 4.67 -2.58 -15.16
C LEU B 197 4.46 -3.26 -16.51
N THR B 198 3.61 -2.69 -17.36
CA THR B 198 3.25 -3.34 -18.61
C THR B 198 2.97 -2.40 -19.78
N GLU B 199 3.16 -2.91 -21.00
CA GLU B 199 2.79 -2.18 -22.22
C GLU B 199 1.95 -3.04 -23.16
N LEU B 200 0.68 -2.68 -23.30
CA LEU B 200 -0.26 -3.40 -24.15
C LEU B 200 -0.28 -2.91 -25.61
N GLY B 201 0.29 -3.71 -26.52
CA GLY B 201 0.23 -3.39 -27.92
C GLY B 201 1.58 -3.10 -28.52
N THR B 202 2.57 -3.87 -28.12
CA THR B 202 3.93 -3.65 -28.62
C THR B 202 4.20 -4.47 -29.89
N PRO B 203 4.56 -3.77 -30.98
CA PRO B 203 5.07 -4.42 -32.17
C PRO B 203 5.90 -5.64 -31.79
N LEU B 204 5.50 -6.79 -32.30
CA LEU B 204 6.12 -8.06 -31.95
C LEU B 204 7.63 -8.03 -32.15
N GLU B 205 8.11 -7.17 -33.02
CA GLU B 205 9.55 -7.01 -33.17
C GLU B 205 10.13 -6.30 -31.96
N GLU B 206 9.57 -5.13 -31.65
CA GLU B 206 10.06 -4.29 -30.55
C GLU B 206 9.78 -4.88 -29.17
N ARG B 207 9.42 -6.16 -29.10
CA ARG B 207 8.95 -6.73 -27.84
C ARG B 207 10.05 -6.92 -26.80
N HIS B 208 11.21 -7.41 -27.23
CA HIS B 208 12.31 -7.58 -26.32
C HIS B 208 13.04 -6.27 -26.09
N GLN B 209 13.25 -5.51 -27.16
CA GLN B 209 13.83 -4.19 -27.00
C GLN B 209 13.01 -3.40 -25.99
N ARG B 210 11.76 -3.80 -25.80
CA ARG B 210 10.88 -3.11 -24.88
C ARG B 210 11.12 -3.54 -23.43
N LEU B 211 11.10 -4.84 -23.19
CA LEU B 211 11.49 -5.37 -21.88
C LEU B 211 12.83 -4.73 -21.49
N GLU B 212 13.89 -5.10 -22.20
CA GLU B 212 15.22 -4.53 -21.95
C GLU B 212 15.09 -3.05 -21.58
N ASP B 213 14.40 -2.29 -22.41
CA ASP B 213 14.09 -0.90 -22.06
C ASP B 213 13.45 -0.89 -20.67
N MET B 214 12.15 -1.17 -20.64
CA MET B 214 11.41 -1.22 -19.37
C MET B 214 12.31 -1.45 -18.17
N ALA B 215 12.97 -2.59 -18.18
CA ALA B 215 13.89 -3.00 -17.12
C ALA B 215 14.91 -1.90 -16.79
N ARG B 216 15.74 -1.57 -17.78
CA ARG B 216 16.68 -0.46 -17.69
C ARG B 216 16.08 0.75 -16.96
N TRP B 217 15.02 1.32 -17.53
CA TRP B 217 14.33 2.44 -16.89
C TRP B 217 14.30 2.27 -15.37
N VAL B 218 13.90 1.09 -14.92
CA VAL B 218 13.69 0.83 -13.50
C VAL B 218 14.99 0.81 -12.70
N LEU B 219 15.92 -0.01 -13.13
CA LEU B 219 17.20 -0.09 -12.45
C LEU B 219 17.92 1.25 -12.58
N GLU B 220 17.89 1.81 -13.79
CA GLU B 220 18.54 3.10 -14.00
C GLU B 220 18.08 4.10 -12.92
N ALA B 221 17.00 3.76 -12.24
CA ALA B 221 16.37 4.68 -11.28
C ALA B 221 16.28 4.02 -9.91
N ALA B 222 16.59 2.73 -9.86
CA ALA B 222 16.70 2.04 -8.60
C ALA B 222 18.11 2.16 -8.07
N GLY B 223 19.04 2.57 -8.94
CA GLY B 223 20.42 2.76 -8.54
C GLY B 223 21.28 1.50 -8.67
N ILE B 224 20.75 0.51 -9.38
CA ILE B 224 21.53 -0.69 -9.67
C ILE B 224 22.16 -0.53 -11.05
N ARG B 225 23.42 -0.95 -11.17
CA ARG B 225 24.15 -0.79 -12.44
C ARG B 225 24.56 -2.15 -12.98
N GLU B 226 24.69 -3.13 -12.09
CA GLU B 226 25.20 -4.45 -12.45
C GLU B 226 24.05 -5.43 -12.67
N PHE B 227 23.84 -5.85 -13.92
CA PHE B 227 22.77 -6.82 -14.19
C PHE B 227 22.90 -7.59 -15.51
N GLU B 228 22.53 -8.87 -15.44
CA GLU B 228 22.47 -9.75 -16.60
C GLU B 228 20.99 -10.00 -16.91
N LEU B 229 20.70 -10.40 -18.15
CA LEU B 229 19.32 -10.56 -18.58
C LEU B 229 19.01 -11.97 -19.07
N VAL B 230 18.99 -12.92 -18.15
CA VAL B 230 18.69 -14.31 -18.46
C VAL B 230 17.45 -14.43 -19.32
N THR B 231 17.66 -14.64 -20.63
CA THR B 231 16.56 -14.85 -21.54
C THR B 231 16.14 -16.32 -21.53
N GLU B 232 15.10 -16.61 -20.77
CA GLU B 232 14.50 -17.94 -20.76
C GLU B 232 13.58 -18.10 -21.99
N SER B 233 13.52 -19.30 -22.54
CA SER B 233 12.80 -19.53 -23.78
C SER B 233 12.22 -20.95 -23.90
N SER B 234 10.96 -21.04 -24.31
CA SER B 234 10.27 -22.31 -24.42
C SER B 234 9.34 -22.36 -25.65
N VAL B 235 8.28 -23.14 -25.54
CA VAL B 235 7.25 -23.20 -26.57
C VAL B 235 5.87 -23.17 -25.92
N VAL B 236 5.69 -24.00 -24.89
CA VAL B 236 4.48 -23.96 -24.08
C VAL B 236 4.50 -22.75 -23.14
N TYR B 237 5.66 -22.49 -22.54
CA TYR B 237 5.87 -21.28 -21.74
C TYR B 237 6.53 -20.19 -22.58
N GLY B 238 6.11 -20.10 -23.83
CA GLY B 238 6.59 -19.10 -24.76
C GLY B 238 7.98 -18.56 -24.46
N ASP B 239 8.05 -17.32 -24.01
CA ASP B 239 9.31 -16.72 -23.60
C ASP B 239 9.20 -16.14 -22.20
N THR B 240 9.96 -16.71 -21.26
CA THR B 240 10.08 -16.13 -19.92
C THR B 240 11.35 -15.28 -19.85
N VAL B 241 11.28 -14.18 -19.11
CA VAL B 241 12.46 -13.34 -18.92
C VAL B 241 12.66 -13.04 -17.44
N ASP B 242 13.91 -12.81 -17.06
CA ASP B 242 14.24 -12.50 -15.67
C ASP B 242 15.35 -11.45 -15.61
N VAL B 243 15.31 -10.63 -14.57
CA VAL B 243 16.33 -9.61 -14.36
C VAL B 243 17.27 -10.00 -13.22
N MET B 244 18.48 -10.41 -13.60
CA MET B 244 19.42 -10.99 -12.65
C MET B 244 20.54 -10.05 -12.24
N LYS B 245 21.04 -10.27 -11.02
CA LYS B 245 22.29 -9.68 -10.60
C LYS B 245 23.14 -10.84 -10.11
N GLY B 246 23.82 -11.49 -11.04
CA GLY B 246 24.56 -12.70 -10.75
C GLY B 246 23.62 -13.81 -10.37
N ASP B 247 23.49 -14.05 -9.06
CA ASP B 247 22.66 -15.14 -8.54
C ASP B 247 21.22 -14.73 -8.32
N LEU B 248 21.02 -13.50 -7.86
CA LEU B 248 19.70 -13.03 -7.47
C LEU B 248 18.78 -12.64 -8.65
N GLU B 249 17.49 -12.95 -8.48
CA GLU B 249 16.46 -12.57 -9.42
C GLU B 249 15.81 -11.29 -8.94
N LEU B 250 15.63 -10.34 -9.84
CA LEU B 250 15.01 -9.07 -9.50
C LEU B 250 13.62 -8.92 -10.10
N ALA B 251 13.44 -9.52 -11.28
CA ALA B 251 12.19 -9.41 -12.00
C ALA B 251 11.94 -10.63 -12.86
N SER B 252 10.66 -10.91 -13.10
CA SER B 252 10.26 -11.92 -14.06
C SER B 252 9.38 -11.26 -15.10
N GLY B 253 9.83 -11.31 -16.35
CA GLY B 253 9.10 -10.71 -17.45
C GLY B 253 8.54 -11.75 -18.39
N ALA B 254 7.57 -11.33 -19.19
CA ALA B 254 6.91 -12.21 -20.16
C ALA B 254 6.23 -11.36 -21.21
N MET B 255 5.69 -12.01 -22.24
CA MET B 255 5.00 -11.27 -23.29
C MET B 255 3.77 -12.03 -23.81
N GLY B 256 2.98 -11.34 -24.64
CA GLY B 256 1.85 -11.92 -25.32
C GLY B 256 2.03 -11.82 -26.82
N PRO B 257 1.20 -12.51 -27.61
CA PRO B 257 0.12 -13.39 -27.13
C PRO B 257 0.62 -14.45 -26.18
N HIS B 258 -0.28 -14.89 -25.31
CA HIS B 258 0.07 -15.78 -24.21
C HIS B 258 -1.11 -16.71 -24.02
N PHE B 259 -0.87 -17.88 -23.44
CA PHE B 259 -1.93 -18.88 -23.34
C PHE B 259 -3.08 -18.45 -22.42
N LEU B 260 -2.78 -17.58 -21.46
CA LEU B 260 -3.82 -17.04 -20.58
C LEU B 260 -4.70 -15.99 -21.27
N ASP B 261 -4.14 -15.34 -22.30
CA ASP B 261 -4.75 -14.16 -22.92
C ASP B 261 -6.23 -14.29 -23.25
N GLU B 262 -6.66 -15.47 -23.65
CA GLU B 262 -8.06 -15.66 -24.05
C GLU B 262 -9.00 -15.57 -22.86
N LYS B 263 -8.66 -16.23 -21.77
CA LYS B 263 -9.50 -16.20 -20.56
C LYS B 263 -9.62 -14.78 -20.01
N TRP B 264 -8.75 -13.90 -20.48
CA TRP B 264 -8.80 -12.49 -20.08
C TRP B 264 -9.23 -11.62 -21.25
N GLU B 265 -9.71 -12.28 -22.31
CA GLU B 265 -10.21 -11.61 -23.52
C GLU B 265 -9.24 -10.60 -24.11
N ILE B 266 -7.99 -11.01 -24.28
CA ILE B 266 -6.92 -10.16 -24.82
C ILE B 266 -6.41 -10.73 -26.15
N PHE B 267 -6.37 -9.88 -27.18
CA PHE B 267 -6.02 -10.35 -28.54
C PHE B 267 -4.87 -9.56 -29.18
N ASP B 268 -4.10 -8.90 -28.32
CA ASP B 268 -3.02 -8.01 -28.74
C ASP B 268 -1.67 -8.41 -28.13
N PRO B 269 -0.56 -8.03 -28.78
CA PRO B 269 0.79 -8.30 -28.28
C PRO B 269 1.10 -7.40 -27.09
N TRP B 270 1.83 -7.92 -26.11
CA TRP B 270 2.16 -7.13 -24.93
C TRP B 270 3.47 -7.56 -24.29
N VAL B 271 3.86 -6.81 -23.26
CA VAL B 271 4.99 -7.17 -22.43
C VAL B 271 4.75 -6.66 -21.02
N GLY B 272 5.26 -7.39 -20.04
CA GLY B 272 5.11 -7.01 -18.64
C GLY B 272 6.35 -7.38 -17.85
N LEU B 273 6.49 -6.78 -16.67
CA LEU B 273 7.66 -7.07 -15.84
C LEU B 273 7.35 -6.95 -14.36
N GLY B 274 7.83 -7.92 -13.58
CA GLY B 274 7.58 -7.95 -12.16
C GLY B 274 8.82 -7.86 -11.27
N PHE B 275 9.07 -6.67 -10.71
CA PHE B 275 10.15 -6.47 -9.75
C PHE B 275 9.66 -6.64 -8.32
N GLY B 276 10.56 -7.08 -7.43
CA GLY B 276 10.22 -7.30 -6.04
C GLY B 276 10.78 -6.31 -5.03
N LEU B 277 10.83 -5.03 -5.42
CA LEU B 277 11.31 -3.93 -4.57
C LEU B 277 12.29 -4.28 -3.42
N GLU B 278 11.77 -4.79 -2.32
CA GLU B 278 12.62 -5.30 -1.24
C GLU B 278 13.86 -5.92 -1.85
N ARG B 279 13.67 -6.99 -2.64
CA ARG B 279 14.78 -7.62 -3.35
C ARG B 279 15.79 -6.59 -3.79
N LEU B 280 15.34 -5.57 -4.51
CA LEU B 280 16.22 -4.51 -5.01
C LEU B 280 16.91 -3.70 -3.90
N LEU B 281 16.14 -3.29 -2.90
CA LEU B 281 16.71 -2.56 -1.77
C LEU B 281 17.86 -3.36 -1.20
N MET B 282 17.72 -4.67 -1.28
CA MET B 282 18.73 -5.59 -0.83
C MET B 282 20.01 -5.43 -1.65
N ILE B 283 19.94 -4.75 -2.78
CA ILE B 283 21.15 -4.52 -3.57
C ILE B 283 21.60 -3.07 -3.57
N ARG B 284 20.66 -2.14 -3.68
CA ARG B 284 21.03 -0.74 -3.58
C ARG B 284 21.66 -0.48 -2.21
N GLU B 285 21.28 -1.30 -1.22
CA GLU B 285 21.77 -1.13 0.14
C GLU B 285 22.78 -2.22 0.49
N GLY B 286 23.08 -3.06 -0.50
CA GLY B 286 24.06 -4.12 -0.35
C GLY B 286 23.94 -4.87 0.96
N THR B 287 22.72 -5.24 1.31
CA THR B 287 22.46 -5.98 2.54
C THR B 287 22.37 -7.48 2.27
N GLN B 288 22.07 -8.25 3.32
CA GLN B 288 22.15 -9.70 3.22
C GLN B 288 20.77 -10.35 3.17
N HIS B 289 19.90 -10.03 4.12
CA HIS B 289 18.54 -10.54 4.12
C HIS B 289 17.54 -9.48 3.69
N VAL B 290 16.33 -9.91 3.36
CA VAL B 290 15.38 -8.98 2.76
C VAL B 290 14.51 -8.25 3.79
N GLN B 291 14.27 -8.88 4.92
CA GLN B 291 13.34 -8.35 5.91
C GLN B 291 13.79 -7.03 6.56
N SER B 292 15.00 -6.59 6.24
CA SER B 292 15.53 -5.37 6.83
C SER B 292 14.71 -4.14 6.42
N MET B 293 14.29 -4.10 5.16
CA MET B 293 13.57 -2.94 4.65
C MET B 293 12.18 -3.29 4.12
N ALA B 294 11.51 -4.22 4.76
CA ALA B 294 10.18 -4.64 4.34
C ALA B 294 9.12 -3.99 5.23
N ARG B 295 7.87 -4.41 5.06
CA ARG B 295 6.84 -4.06 6.05
C ARG B 295 7.25 -4.73 7.33
N SER B 296 7.64 -3.94 8.33
CA SER B 296 8.08 -4.53 9.58
C SER B 296 7.76 -3.69 10.81
N LEU B 297 7.68 -4.37 11.94
CA LEU B 297 7.69 -3.70 13.23
C LEU B 297 8.96 -4.11 14.02
N SER B 298 9.89 -4.77 13.32
CA SER B 298 11.16 -5.18 13.92
C SER B 298 12.29 -4.34 13.33
N TYR B 299 12.02 -3.74 12.18
CA TYR B 299 12.96 -2.78 11.64
C TYR B 299 12.28 -1.46 11.38
N LEU B 300 13.09 -0.43 11.22
CA LEU B 300 12.61 0.81 10.69
C LEU B 300 13.73 1.33 9.84
N ASP B 301 13.71 0.91 8.59
CA ASP B 301 14.66 1.39 7.61
C ASP B 301 15.91 0.53 7.68
N GLY B 302 15.72 -0.78 7.55
CA GLY B 302 16.81 -1.74 7.66
C GLY B 302 17.60 -1.68 8.97
N VAL B 303 16.96 -1.24 10.05
CA VAL B 303 17.65 -1.16 11.34
C VAL B 303 16.94 -1.93 12.48
N ARG B 304 17.41 -3.13 12.82
CA ARG B 304 16.74 -3.87 13.88
C ARG B 304 16.45 -2.88 14.98
N LEU B 305 15.32 -3.02 15.64
CA LEU B 305 14.80 -1.98 16.51
C LEU B 305 15.03 -2.24 17.98
N ASN B 306 15.52 -3.43 18.34
CA ASN B 306 15.80 -3.72 19.76
C ASN B 306 17.16 -3.19 20.19
N ILE B 307 17.95 -2.70 19.26
CA ILE B 307 19.27 -2.16 19.59
C ILE B 307 19.17 -1.05 20.64
N ASN B 308 20.30 -0.61 21.20
CA ASN B 308 20.28 0.50 22.16
C ASN B 308 21.45 1.50 22.08
#